data_3TX2
#
_entry.id   3TX2
#
_cell.length_a   136.350
_cell.length_b   41.180
_cell.length_c   44.970
_cell.angle_alpha   90.000
_cell.angle_beta   90.000
_cell.angle_gamma   90.000
#
_symmetry.space_group_name_H-M   'P 21 21 2'
#
loop_
_entity.id
_entity.type
_entity.pdbx_description
1 polymer 'Probable 6-phosphogluconolactonase'
2 non-polymer 'SODIUM ION'
3 non-polymer GLYCEROL
4 non-polymer 'BENZOIC ACID'
5 water water
#
_entity_poly.entity_id   1
_entity_poly.type   'polypeptide(L)'
_entity_poly.pdbx_seq_one_letter_code
;GPGSMSETIIEKYADTDALVTAAGDRLASAITGALAERGKAMIVLTGGGTGIALLKHLRDVASGLDWTNVHVFWGDDRYV
PKTDPERNAWQAWEALLEHVNFPLRNMHAMPNSESEYGTDLDAAALAYEQLLAANAEPGQDCPAFDVHLLGMGGEGHINS
LFPHTDAVKETQRLVVAVPDSPKPPPQRITLTLPAIQRSREVWLVVSGEAKADAVAAAVGGADPVDVPAAGAKGIERTVW
LLDEAAASQLG
;
_entity_poly.pdbx_strand_id   A
#
loop_
_chem_comp.id
_chem_comp.type
_chem_comp.name
_chem_comp.formula
BEZ non-polymer 'BENZOIC ACID' 'C7 H6 O2'
GOL non-polymer GLYCEROL 'C3 H8 O3'
NA non-polymer 'SODIUM ION' 'Na 1'
#
# COMPACT_ATOMS: atom_id res chain seq x y z
N MET A 5 3.75 -12.96 -15.62
CA MET A 5 4.64 -12.66 -16.78
C MET A 5 5.26 -11.27 -16.71
N SER A 6 4.87 -10.46 -15.74
CA SER A 6 5.40 -9.10 -15.61
C SER A 6 6.85 -9.08 -15.10
N GLU A 7 7.51 -8.01 -15.49
CA GLU A 7 8.88 -7.70 -15.12
C GLU A 7 9.06 -7.54 -13.61
N THR A 8 10.22 -7.91 -13.11
CA THR A 8 10.58 -7.74 -11.70
C THR A 8 11.87 -6.96 -11.60
N ILE A 9 11.88 -5.92 -10.76
CA ILE A 9 13.06 -5.12 -10.52
C ILE A 9 13.42 -5.22 -9.04
N ILE A 10 14.70 -5.40 -8.75
CA ILE A 10 15.20 -5.41 -7.38
C ILE A 10 16.27 -4.35 -7.27
N GLU A 11 16.03 -3.33 -6.45
CA GLU A 11 17.04 -2.30 -6.15
C GLU A 11 17.47 -2.42 -4.69
N LYS A 12 18.76 -2.24 -4.44
CA LYS A 12 19.35 -2.34 -3.10
C LYS A 12 20.03 -1.03 -2.75
N TYR A 13 19.73 -0.54 -1.55
CA TYR A 13 20.29 0.70 -1.04
C TYR A 13 21.03 0.42 0.27
N ALA A 14 21.88 1.36 0.70
CA ALA A 14 22.80 1.08 1.78
C ALA A 14 22.11 0.80 3.10
N ASP A 15 21.09 1.59 3.41
CA ASP A 15 20.45 1.58 4.74
C ASP A 15 19.04 2.16 4.63
N THR A 16 18.33 2.22 5.75
CA THR A 16 16.93 2.65 5.72
C THR A 16 16.81 4.07 5.18
N ASP A 17 17.70 4.96 5.59
CA ASP A 17 17.61 6.35 5.11
C ASP A 17 17.79 6.45 3.60
N ALA A 18 18.79 5.76 3.05
CA ALA A 18 18.98 5.77 1.60
C ALA A 18 17.81 5.12 0.85
N LEU A 19 17.24 4.06 1.44
CA LEU A 19 16.05 3.41 0.88
C LEU A 19 14.86 4.37 0.81
N VAL A 20 14.61 5.08 1.90
CA VAL A 20 13.46 5.96 1.99
C VAL A 20 13.58 7.11 1.01
N THR A 21 14.78 7.68 0.93
CA THR A 21 15.05 8.73 -0.03
C THR A 21 14.81 8.23 -1.45
N ALA A 22 15.34 7.07 -1.79
CA ALA A 22 15.18 6.55 -3.14
C ALA A 22 13.72 6.21 -3.43
N ALA A 23 13.05 5.54 -2.51
CA ALA A 23 11.64 5.18 -2.69
C ALA A 23 10.74 6.41 -2.80
N GLY A 24 10.99 7.43 -1.99
CA GLY A 24 10.19 8.64 -2.02
C GLY A 24 10.42 9.41 -3.31
N ASP A 25 11.66 9.42 -3.80
CA ASP A 25 11.94 10.10 -5.07
C ASP A 25 11.30 9.33 -6.23
N ARG A 26 11.35 8.01 -6.17
CA ARG A 26 10.71 7.19 -7.19
C ARG A 26 9.22 7.50 -7.21
N LEU A 27 8.61 7.62 -6.03
CA LEU A 27 7.18 7.90 -5.95
C LEU A 27 6.86 9.30 -6.52
N ALA A 28 7.65 10.31 -6.15
CA ALA A 28 7.45 11.65 -6.72
C ALA A 28 7.48 11.60 -8.24
N SER A 29 8.44 10.88 -8.80
CA SER A 29 8.58 10.76 -10.24
CA SER A 29 8.57 10.79 -10.26
C SER A 29 7.42 10.01 -10.88
N ALA A 30 6.98 8.95 -10.21
CA ALA A 30 5.84 8.16 -10.70
C ALA A 30 4.56 9.01 -10.70
N ILE A 31 4.34 9.80 -9.67
CA ILE A 31 3.18 10.71 -9.64
C ILE A 31 3.26 11.76 -10.74
N THR A 32 4.40 12.43 -10.85
CA THR A 32 4.62 13.44 -11.91
CA THR A 32 4.54 13.45 -11.89
C THR A 32 4.37 12.87 -13.29
N GLY A 33 4.86 11.67 -13.53
CA GLY A 33 4.74 10.98 -14.79
C GLY A 33 3.30 10.69 -15.15
N ALA A 34 2.55 10.18 -14.18
CA ALA A 34 1.13 9.86 -14.37
C ALA A 34 0.32 11.13 -14.65
N LEU A 35 0.61 12.20 -13.90
CA LEU A 35 -0.03 13.50 -14.17
CA LEU A 35 -0.02 13.50 -14.17
C LEU A 35 0.30 14.01 -15.57
N ALA A 36 1.56 13.88 -15.98
CA ALA A 36 1.98 14.37 -17.30
C ALA A 36 1.29 13.62 -18.45
N GLU A 37 1.12 12.31 -18.28
CA GLU A 37 0.55 11.45 -19.31
C GLU A 37 -0.99 11.40 -19.32
N ARG A 38 -1.62 11.44 -18.14
CA ARG A 38 -3.07 11.23 -18.03
C ARG A 38 -3.80 12.27 -17.19
N GLY A 39 -3.08 13.21 -16.60
CA GLY A 39 -3.69 14.23 -15.74
C GLY A 39 -4.31 13.62 -14.50
N LYS A 40 -3.81 12.47 -14.07
CA LYS A 40 -4.40 11.77 -12.94
C LYS A 40 -3.41 10.73 -12.41
N ALA A 41 -3.25 10.65 -11.11
CA ALA A 41 -2.46 9.58 -10.49
C ALA A 41 -3.31 8.93 -9.43
N MET A 42 -3.34 7.60 -9.42
CA MET A 42 -4.07 6.82 -8.43
C MET A 42 -3.05 5.99 -7.64
N ILE A 43 -2.91 6.26 -6.35
CA ILE A 43 -1.85 5.67 -5.54
C ILE A 43 -2.47 4.96 -4.34
N VAL A 44 -2.01 3.75 -4.04
CA VAL A 44 -2.47 3.02 -2.86
C VAL A 44 -1.36 3.11 -1.80
N LEU A 45 -1.71 3.69 -0.67
CA LEU A 45 -0.78 3.95 0.40
C LEU A 45 -0.78 2.79 1.37
N THR A 46 0.31 2.72 2.12
CA THR A 46 0.50 1.69 3.10
C THR A 46 0.89 2.33 4.43
N GLY A 47 0.84 1.53 5.46
CA GLY A 47 1.29 1.96 6.77
C GLY A 47 2.67 1.39 7.02
N GLY A 48 3.10 1.44 8.27
CA GLY A 48 4.42 0.96 8.65
C GLY A 48 5.43 2.08 8.61
N GLY A 49 6.51 1.90 9.36
CA GLY A 49 7.52 2.94 9.50
C GLY A 49 8.10 3.41 8.19
N THR A 50 8.53 2.45 7.36
CA THR A 50 9.09 2.77 6.07
C THR A 50 8.08 3.42 5.13
N GLY A 51 6.85 2.92 5.12
CA GLY A 51 5.83 3.50 4.25
C GLY A 51 5.46 4.92 4.62
N ILE A 52 5.43 5.22 5.91
CA ILE A 52 5.11 6.57 6.33
C ILE A 52 6.32 7.47 6.11
N ALA A 53 7.52 6.95 6.37
CA ALA A 53 8.74 7.70 6.11
C ALA A 53 8.81 8.15 4.64
N LEU A 54 8.40 7.28 3.72
CA LEU A 54 8.37 7.61 2.32
CA LEU A 54 8.30 7.60 2.29
C LEU A 54 7.45 8.83 2.05
N LEU A 55 6.33 8.92 2.76
CA LEU A 55 5.40 10.04 2.61
C LEU A 55 5.96 11.35 3.16
N LYS A 56 6.70 11.26 4.27
CA LYS A 56 7.38 12.42 4.81
CA LYS A 56 7.39 12.43 4.82
C LYS A 56 8.41 12.96 3.81
N HIS A 57 9.08 12.05 3.11
CA HIS A 57 10.00 12.46 2.06
C HIS A 57 9.30 13.17 0.93
N LEU A 58 8.15 12.64 0.53
CA LEU A 58 7.36 13.26 -0.52
C LEU A 58 6.96 14.67 -0.14
N ARG A 59 6.59 14.89 1.12
CA ARG A 59 6.33 16.23 1.60
C ARG A 59 7.54 17.15 1.40
N ASP A 60 8.72 16.65 1.74
CA ASP A 60 9.97 17.41 1.59
C ASP A 60 10.30 17.82 0.15
N VAL A 61 10.04 16.93 -0.81
CA VAL A 61 10.53 17.10 -2.19
C VAL A 61 9.47 17.41 -3.25
N ALA A 62 8.19 17.19 -2.96
CA ALA A 62 7.15 17.29 -3.99
C ALA A 62 5.86 17.92 -3.48
N SER A 63 5.93 18.81 -2.50
CA SER A 63 4.73 19.47 -1.97
CA SER A 63 4.72 19.44 -1.97
C SER A 63 3.99 20.26 -3.04
N GLY A 64 4.72 20.67 -4.07
CA GLY A 64 4.21 21.49 -5.18
C GLY A 64 3.48 20.76 -6.30
N LEU A 65 3.35 19.44 -6.18
CA LEU A 65 2.57 18.66 -7.15
C LEU A 65 1.15 19.17 -7.20
N ASP A 66 0.46 18.94 -8.31
CA ASP A 66 -0.97 19.26 -8.37
C ASP A 66 -1.76 18.12 -7.73
N TRP A 67 -1.97 18.24 -6.43
CA TRP A 67 -2.67 17.21 -5.68
C TRP A 67 -4.10 17.06 -6.03
N THR A 68 -4.70 18.03 -6.72
CA THR A 68 -6.07 17.85 -7.16
C THR A 68 -6.20 16.84 -8.26
N ASN A 69 -5.07 16.41 -8.81
CA ASN A 69 -5.03 15.28 -9.76
C ASN A 69 -4.52 13.96 -9.15
N VAL A 70 -4.31 13.91 -7.84
CA VAL A 70 -3.81 12.73 -7.14
C VAL A 70 -4.95 12.19 -6.30
N HIS A 71 -5.15 10.87 -6.38
CA HIS A 71 -6.28 10.18 -5.72
C HIS A 71 -5.67 9.08 -4.92
N VAL A 72 -5.97 9.03 -3.64
CA VAL A 72 -5.29 8.10 -2.75
CA VAL A 72 -5.30 8.09 -2.76
C VAL A 72 -6.26 7.12 -2.10
N PHE A 73 -5.84 5.86 -2.09
CA PHE A 73 -6.56 4.75 -1.49
C PHE A 73 -5.60 4.09 -0.50
N TRP A 74 -6.09 3.14 0.30
CA TRP A 74 -5.26 2.41 1.26
C TRP A 74 -5.31 0.93 1.00
N GLY A 75 -4.18 0.27 1.19
CA GLY A 75 -4.13 -1.18 1.07
C GLY A 75 -4.71 -1.93 2.28
N ASP A 76 -4.62 -1.29 3.45
CA ASP A 76 -5.23 -1.83 4.65
C ASP A 76 -5.31 -0.70 5.65
N ASP A 77 -6.12 -0.93 6.67
CA ASP A 77 -6.13 -0.06 7.83
C ASP A 77 -6.70 -0.81 9.03
N ARG A 78 -6.44 -0.23 10.19
CA ARG A 78 -6.79 -0.80 11.47
C ARG A 78 -8.18 -0.33 11.83
N TYR A 79 -9.02 -1.21 12.34
CA TYR A 79 -10.39 -0.85 12.69
C TYR A 79 -10.44 -0.27 14.11
N VAL A 80 -10.05 0.99 14.18
CA VAL A 80 -9.91 1.74 15.43
C VAL A 80 -10.39 3.17 15.12
N PRO A 81 -10.51 4.04 16.13
CA PRO A 81 -11.03 5.38 15.86
C PRO A 81 -10.22 6.19 14.84
N LYS A 82 -10.90 7.13 14.19
CA LYS A 82 -10.35 7.93 13.09
CA LYS A 82 -10.34 7.91 13.09
C LYS A 82 -8.99 8.54 13.42
N THR A 83 -8.87 9.15 14.58
CA THR A 83 -7.62 9.84 14.94
C THR A 83 -6.71 9.02 15.86
N ASP A 84 -6.99 7.73 15.98
CA ASP A 84 -6.19 6.84 16.80
C ASP A 84 -4.78 6.75 16.20
N PRO A 85 -3.75 6.73 17.05
CA PRO A 85 -2.37 6.65 16.55
C PRO A 85 -2.09 5.39 15.72
N GLU A 86 -2.94 4.37 15.80
CA GLU A 86 -2.73 3.15 15.04
C GLU A 86 -3.37 3.19 13.64
N ARG A 87 -4.02 4.30 13.26
CA ARG A 87 -4.59 4.39 11.92
C ARG A 87 -3.53 4.69 10.89
N ASN A 88 -3.53 3.91 9.80
CA ASN A 88 -2.68 4.24 8.66
C ASN A 88 -3.08 5.56 7.99
N ALA A 89 -4.37 5.80 7.82
CA ALA A 89 -4.80 7.02 7.14
C ALA A 89 -4.41 8.26 7.94
N TRP A 90 -4.61 8.24 9.25
CA TRP A 90 -4.24 9.40 10.06
C TRP A 90 -2.76 9.63 10.06
N GLN A 91 -1.96 8.57 10.07
CA GLN A 91 -0.51 8.73 9.96
C GLN A 91 -0.10 9.37 8.64
N ALA A 92 -0.76 8.99 7.53
CA ALA A 92 -0.45 9.62 6.23
C ALA A 92 -0.90 11.07 6.22
N TRP A 93 -2.00 11.34 6.91
CA TRP A 93 -2.51 12.71 7.09
C TRP A 93 -1.48 13.58 7.76
N GLU A 94 -0.97 13.12 8.89
CA GLU A 94 0.06 13.87 9.63
C GLU A 94 1.42 13.92 8.93
N ALA A 95 1.77 12.89 8.18
CA ALA A 95 3.05 12.88 7.46
C ALA A 95 3.06 13.80 6.23
N LEU A 96 1.93 13.91 5.55
CA LEU A 96 1.88 14.55 4.24
C LEU A 96 0.61 15.34 3.96
N LEU A 97 -0.56 14.71 4.08
CA LEU A 97 -1.74 15.30 3.46
C LEU A 97 -2.23 16.54 4.12
N GLU A 98 -1.97 16.71 5.41
CA GLU A 98 -2.40 17.93 6.07
C GLU A 98 -1.51 19.13 5.74
N HIS A 99 -0.37 18.88 5.07
CA HIS A 99 0.63 19.90 4.81
C HIS A 99 0.65 20.38 3.40
N VAL A 100 -0.29 19.90 2.60
CA VAL A 100 -0.46 20.33 1.21
C VAL A 100 -1.92 20.62 0.92
N ASN A 101 -2.17 21.34 -0.17
CA ASN A 101 -3.54 21.55 -0.65
C ASN A 101 -4.00 20.30 -1.43
N PHE A 102 -4.67 19.39 -0.72
CA PHE A 102 -5.07 18.10 -1.25
C PHE A 102 -6.56 18.00 -0.96
N PRO A 103 -7.40 18.07 -2.00
CA PRO A 103 -8.84 18.08 -1.75
C PRO A 103 -9.31 16.76 -1.16
N LEU A 104 -10.13 16.81 -0.11
CA LEU A 104 -10.57 15.58 0.58
C LEU A 104 -11.44 14.67 -0.28
N ARG A 105 -12.06 15.23 -1.29
CA ARG A 105 -12.84 14.46 -2.24
C ARG A 105 -11.97 13.44 -2.99
N ASN A 106 -10.64 13.66 -3.02
CA ASN A 106 -9.68 12.74 -3.63
C ASN A 106 -9.06 11.72 -2.67
N MET A 107 -9.45 11.79 -1.41
CA MET A 107 -8.86 10.94 -0.38
C MET A 107 -9.88 9.89 -0.02
N HIS A 108 -9.48 8.62 -0.08
CA HIS A 108 -10.41 7.49 0.10
C HIS A 108 -9.93 6.56 1.17
N ALA A 109 -10.06 7.01 2.41
CA ALA A 109 -9.71 6.19 3.56
C ALA A 109 -10.65 5.03 3.75
N MET A 110 -10.14 3.96 4.32
CA MET A 110 -11.01 2.85 4.67
C MET A 110 -11.87 3.21 5.89
N PRO A 111 -12.98 2.47 6.11
CA PRO A 111 -13.77 2.74 7.31
C PRO A 111 -12.95 2.62 8.59
N ASN A 112 -13.34 3.37 9.61
CA ASN A 112 -12.74 3.24 10.93
C ASN A 112 -13.79 2.74 11.91
N SER A 113 -13.41 2.48 13.16
CA SER A 113 -14.34 1.84 14.09
C SER A 113 -15.51 2.73 14.51
N GLU A 114 -15.45 4.02 14.17
CA GLU A 114 -16.51 4.97 14.47
C GLU A 114 -17.39 5.22 13.26
N SER A 115 -17.22 4.44 12.20
CA SER A 115 -17.95 4.65 10.93
C SER A 115 -19.40 4.10 10.94
N GLU A 116 -19.87 3.59 12.07
CA GLU A 116 -21.25 3.13 12.21
C GLU A 116 -21.52 1.76 11.57
N TYR A 117 -20.48 1.09 11.07
CA TYR A 117 -20.60 -0.36 10.79
C TYR A 117 -20.55 -1.12 12.12
N GLY A 118 -20.07 -0.46 13.18
CA GLY A 118 -20.04 -1.07 14.49
C GLY A 118 -19.20 -2.33 14.49
N THR A 119 -19.74 -3.41 15.02
CA THR A 119 -19.02 -4.68 15.05
C THR A 119 -19.05 -5.42 13.69
N ASP A 120 -19.76 -4.89 12.69
CA ASP A 120 -19.90 -5.60 11.42
C ASP A 120 -18.77 -5.18 10.48
N LEU A 121 -17.62 -5.76 10.73
CA LEU A 121 -16.41 -5.50 9.98
C LEU A 121 -16.56 -5.91 8.51
N ASP A 122 -17.31 -6.98 8.28
CA ASP A 122 -17.53 -7.43 6.92
C ASP A 122 -18.34 -6.41 6.11
N ALA A 123 -19.32 -5.76 6.74
CA ALA A 123 -20.08 -4.72 6.05
C ALA A 123 -19.18 -3.56 5.72
N ALA A 124 -18.28 -3.22 6.64
CA ALA A 124 -17.29 -2.15 6.36
C ALA A 124 -16.40 -2.47 5.14
N ALA A 125 -15.99 -3.72 5.01
CA ALA A 125 -15.19 -4.14 3.87
C ALA A 125 -15.99 -4.08 2.56
N LEU A 126 -17.26 -4.50 2.60
CA LEU A 126 -18.16 -4.37 1.44
C LEU A 126 -18.26 -2.92 1.03
N ALA A 127 -18.39 -2.03 2.01
CA ALA A 127 -18.47 -0.61 1.71
C ALA A 127 -17.24 -0.12 0.97
N TYR A 128 -16.05 -0.57 1.37
CA TYR A 128 -14.85 -0.15 0.65
C TYR A 128 -14.78 -0.76 -0.73
N GLU A 129 -15.29 -1.97 -0.90
CA GLU A 129 -15.42 -2.53 -2.23
C GLU A 129 -16.33 -1.70 -3.11
N GLN A 130 -17.43 -1.21 -2.54
CA GLN A 130 -18.32 -0.32 -3.28
C GLN A 130 -17.62 0.94 -3.71
N LEU A 131 -16.81 1.48 -2.80
CA LEU A 131 -16.02 2.68 -3.10
C LEU A 131 -15.04 2.42 -4.24
N LEU A 132 -14.37 1.27 -4.24
CA LEU A 132 -13.44 0.95 -5.33
C LEU A 132 -14.17 0.90 -6.67
N ALA A 133 -15.35 0.29 -6.70
CA ALA A 133 -16.13 0.22 -7.93
C ALA A 133 -16.60 1.61 -8.36
N ALA A 134 -17.07 2.43 -7.43
CA ALA A 134 -17.53 3.79 -7.79
C ALA A 134 -16.42 4.66 -8.36
N ASN A 135 -15.18 4.42 -7.94
CA ASN A 135 -14.02 5.18 -8.39
C ASN A 135 -13.26 4.55 -9.56
N ALA A 136 -13.83 3.48 -10.12
CA ALA A 136 -13.20 2.75 -11.22
C ALA A 136 -13.75 3.27 -12.54
N GLU A 137 -13.14 2.82 -13.64
CA GLU A 137 -13.69 3.09 -14.95
C GLU A 137 -15.00 2.35 -15.13
N PRO A 138 -15.85 2.82 -16.04
CA PRO A 138 -17.13 2.16 -16.29
C PRO A 138 -16.96 0.67 -16.59
N GLY A 139 -17.77 -0.14 -15.94
CA GLY A 139 -17.70 -1.58 -16.13
C GLY A 139 -16.55 -2.30 -15.43
N GLN A 140 -15.74 -1.58 -14.65
CA GLN A 140 -14.63 -2.17 -13.89
C GLN A 140 -14.94 -2.09 -12.41
N ASP A 141 -14.44 -3.02 -11.61
CA ASP A 141 -14.76 -2.95 -10.19
C ASP A 141 -13.61 -2.46 -9.34
N CYS A 142 -12.53 -2.01 -9.97
CA CYS A 142 -11.41 -1.47 -9.20
C CYS A 142 -10.67 -0.45 -10.05
N PRO A 143 -10.17 0.65 -9.44
CA PRO A 143 -9.30 1.55 -10.20
C PRO A 143 -8.04 0.84 -10.68
N ALA A 144 -7.51 1.28 -11.82
CA ALA A 144 -6.24 0.74 -12.32
C ALA A 144 -5.13 1.48 -11.58
N PHE A 145 -4.88 1.10 -10.34
CA PHE A 145 -3.93 1.87 -9.53
C PHE A 145 -2.61 2.03 -10.26
N ASP A 146 -2.05 3.24 -10.28
CA ASP A 146 -0.74 3.41 -10.91
C ASP A 146 0.36 2.73 -10.09
N VAL A 147 0.34 2.94 -8.78
CA VAL A 147 1.31 2.32 -7.87
C VAL A 147 0.58 1.89 -6.61
N HIS A 148 0.76 0.64 -6.19
CA HIS A 148 0.39 0.16 -4.85
C HIS A 148 1.63 -0.02 -4.05
N LEU A 149 1.78 0.82 -3.03
CA LEU A 149 2.91 0.72 -2.09
C LEU A 149 2.63 -0.39 -1.10
N LEU A 150 3.67 -1.11 -0.69
CA LEU A 150 3.54 -2.17 0.31
C LEU A 150 4.74 -2.17 1.24
N GLY A 151 4.46 -2.41 2.52
CA GLY A 151 5.44 -2.91 3.43
C GLY A 151 5.31 -4.42 3.51
N MET A 152 6.26 -5.06 4.17
CA MET A 152 6.22 -6.48 4.34
C MET A 152 6.74 -6.84 5.71
N GLY A 153 6.01 -7.72 6.39
CA GLY A 153 6.45 -8.23 7.67
C GLY A 153 7.47 -9.34 7.54
N GLY A 154 8.01 -9.77 8.68
CA GLY A 154 9.04 -10.79 8.69
C GLY A 154 8.57 -12.17 8.27
N GLU A 155 7.26 -12.38 8.28
CA GLU A 155 6.66 -13.61 7.80
C GLU A 155 6.10 -13.42 6.39
N GLY A 156 6.40 -12.28 5.76
CA GLY A 156 5.93 -12.02 4.42
C GLY A 156 4.53 -11.45 4.27
N HIS A 157 3.91 -11.03 5.36
CA HIS A 157 2.57 -10.48 5.24
C HIS A 157 2.65 -9.15 4.53
N ILE A 158 1.60 -8.82 3.80
CA ILE A 158 1.46 -7.52 3.12
C ILE A 158 0.05 -7.04 3.35
N ASN A 159 -0.22 -5.73 3.25
CA ASN A 159 -1.53 -5.19 3.68
C ASN A 159 -1.88 -5.87 5.02
N SER A 160 -3.10 -6.42 5.19
CA SER A 160 -3.35 -7.30 6.37
C SER A 160 -3.63 -8.74 5.95
N LEU A 161 -2.86 -9.21 4.98
CA LEU A 161 -2.91 -10.57 4.44
C LEU A 161 -1.81 -11.41 5.09
N PHE A 162 -2.20 -12.25 6.04
CA PHE A 162 -1.25 -13.11 6.76
C PHE A 162 -1.23 -14.55 6.22
N PRO A 163 -0.13 -15.28 6.46
CA PRO A 163 -0.05 -16.66 5.98
C PRO A 163 -1.22 -17.54 6.45
N HIS A 164 -1.69 -18.42 5.58
CA HIS A 164 -2.71 -19.42 5.93
C HIS A 164 -3.97 -18.83 6.47
N THR A 165 -4.40 -17.71 5.86
CA THR A 165 -5.65 -17.05 6.25
C THR A 165 -6.66 -17.09 5.13
N ASP A 166 -7.94 -16.96 5.48
CA ASP A 166 -8.95 -16.77 4.45
C ASP A 166 -8.68 -15.55 3.58
N ALA A 167 -8.19 -14.46 4.15
CA ALA A 167 -7.93 -13.24 3.38
C ALA A 167 -6.93 -13.50 2.27
N VAL A 168 -5.82 -14.16 2.57
CA VAL A 168 -4.81 -14.40 1.53
C VAL A 168 -5.27 -15.45 0.51
N LYS A 169 -6.24 -16.31 0.88
CA LYS A 169 -6.80 -17.31 -0.02
C LYS A 169 -7.91 -16.75 -0.92
N GLU A 170 -8.38 -15.54 -0.64
CA GLU A 170 -9.48 -14.98 -1.40
C GLU A 170 -9.08 -14.74 -2.85
N THR A 171 -9.89 -15.21 -3.80
CA THR A 171 -9.60 -15.04 -5.24
C THR A 171 -10.58 -14.13 -5.99
N GLN A 172 -11.66 -13.72 -5.33
CA GLN A 172 -12.74 -12.99 -5.97
C GLN A 172 -12.94 -11.61 -5.34
N ARG A 173 -13.24 -11.60 -4.04
CA ARG A 173 -13.42 -10.35 -3.29
C ARG A 173 -12.17 -9.47 -3.37
N LEU A 174 -12.38 -8.17 -3.50
CA LEU A 174 -11.31 -7.20 -3.51
C LEU A 174 -10.94 -6.66 -2.12
N VAL A 175 -11.90 -6.65 -1.20
CA VAL A 175 -11.66 -6.13 0.16
C VAL A 175 -12.32 -7.10 1.11
N VAL A 176 -11.64 -7.43 2.21
CA VAL A 176 -12.22 -8.30 3.23
C VAL A 176 -11.85 -7.79 4.61
N ALA A 177 -12.63 -8.21 5.60
CA ALA A 177 -12.36 -7.96 7.00
C ALA A 177 -11.40 -9.01 7.53
N VAL A 178 -10.49 -8.59 8.41
CA VAL A 178 -9.58 -9.48 9.10
C VAL A 178 -9.87 -9.32 10.59
N PRO A 179 -10.41 -10.38 11.23
CA PRO A 179 -10.79 -10.25 12.62
C PRO A 179 -9.65 -10.65 13.58
N ASP A 180 -8.59 -11.25 13.07
CA ASP A 180 -7.63 -11.99 13.89
C ASP A 180 -6.16 -11.82 13.49
N SER A 181 -5.76 -10.60 13.13
CA SER A 181 -4.36 -10.35 12.82
C SER A 181 -3.49 -10.73 14.04
N PRO A 182 -2.40 -11.49 13.81
CA PRO A 182 -1.50 -11.82 14.91
C PRO A 182 -0.56 -10.69 15.32
N LYS A 183 -0.60 -9.58 14.58
CA LYS A 183 0.10 -8.35 14.93
C LYS A 183 -0.95 -7.33 15.35
N PRO A 184 -0.69 -6.58 16.45
CA PRO A 184 -1.76 -5.73 16.97
C PRO A 184 -2.01 -4.52 16.09
N PRO A 185 -3.26 -4.04 16.06
CA PRO A 185 -4.49 -4.57 16.64
C PRO A 185 -5.06 -5.71 15.78
N PRO A 186 -5.89 -6.58 16.39
CA PRO A 186 -6.40 -7.75 15.64
C PRO A 186 -7.30 -7.43 14.46
N GLN A 187 -8.12 -6.38 14.54
CA GLN A 187 -9.10 -6.09 13.49
C GLN A 187 -8.62 -5.10 12.45
N ARG A 188 -8.63 -5.55 11.19
CA ARG A 188 -8.30 -4.71 10.05
C ARG A 188 -9.25 -4.92 8.89
N ILE A 189 -9.20 -3.97 7.96
CA ILE A 189 -9.81 -4.08 6.63
C ILE A 189 -8.66 -4.11 5.64
N THR A 190 -8.73 -5.01 4.66
CA THR A 190 -7.59 -5.19 3.73
C THR A 190 -8.00 -5.41 2.29
N LEU A 191 -7.21 -4.83 1.38
CA LEU A 191 -7.27 -5.25 -0.01
C LEU A 191 -6.68 -6.67 -0.09
N THR A 192 -7.23 -7.47 -0.99
CA THR A 192 -6.81 -8.87 -1.20
C THR A 192 -5.77 -8.94 -2.32
N LEU A 193 -5.24 -10.13 -2.59
CA LEU A 193 -4.29 -10.30 -3.70
C LEU A 193 -4.90 -9.88 -5.06
N PRO A 194 -6.16 -10.30 -5.35
CA PRO A 194 -6.72 -9.81 -6.61
C PRO A 194 -6.76 -8.29 -6.72
N ALA A 195 -7.01 -7.58 -5.63
CA ALA A 195 -7.01 -6.10 -5.69
C ALA A 195 -5.60 -5.56 -5.92
N ILE A 196 -4.62 -6.10 -5.21
CA ILE A 196 -3.21 -5.70 -5.40
C ILE A 196 -2.83 -5.87 -6.87
N GLN A 197 -3.30 -6.98 -7.43
CA GLN A 197 -2.95 -7.36 -8.79
C GLN A 197 -3.67 -6.54 -9.88
N ARG A 198 -4.58 -5.66 -9.47
CA ARG A 198 -5.13 -4.66 -10.40
C ARG A 198 -4.19 -3.50 -10.65
N SER A 199 -3.12 -3.40 -9.87
CA SER A 199 -2.21 -2.25 -9.95
C SER A 199 -1.27 -2.39 -11.14
N ARG A 200 -0.99 -1.27 -11.80
CA ARG A 200 0.01 -1.25 -12.86
C ARG A 200 1.39 -1.62 -12.32
N GLU A 201 1.77 -1.03 -11.19
CA GLU A 201 2.99 -1.40 -10.47
C GLU A 201 2.72 -1.64 -9.00
N VAL A 202 3.42 -2.63 -8.44
CA VAL A 202 3.39 -2.89 -7.01
C VAL A 202 4.81 -2.73 -6.52
N TRP A 203 5.01 -1.90 -5.51
CA TRP A 203 6.34 -1.66 -4.95
C TRP A 203 6.38 -2.12 -3.52
N LEU A 204 7.30 -3.01 -3.21
CA LEU A 204 7.50 -3.47 -1.86
C LEU A 204 8.75 -2.81 -1.32
N VAL A 205 8.60 -2.00 -0.27
CA VAL A 205 9.68 -1.19 0.30
C VAL A 205 9.99 -1.82 1.66
N VAL A 206 11.17 -2.42 1.77
CA VAL A 206 11.50 -3.34 2.86
C VAL A 206 12.90 -3.11 3.42
N SER A 207 13.00 -2.99 4.75
CA SER A 207 14.27 -2.72 5.40
C SER A 207 14.47 -3.67 6.57
N GLY A 208 15.68 -4.18 6.69
CA GLY A 208 16.10 -4.92 7.91
C GLY A 208 16.30 -6.40 7.67
N GLU A 209 17.27 -6.96 8.40
CA GLU A 209 17.62 -8.36 8.27
C GLU A 209 16.49 -9.30 8.69
N ALA A 210 15.62 -8.84 9.57
CA ALA A 210 14.48 -9.65 10.03
C ALA A 210 13.53 -10.01 8.88
N LYS A 211 13.59 -9.26 7.79
CA LYS A 211 12.74 -9.51 6.63
C LYS A 211 13.46 -10.25 5.51
N ALA A 212 14.77 -10.45 5.64
CA ALA A 212 15.52 -11.01 4.50
C ALA A 212 15.08 -12.42 4.06
N ASP A 213 14.73 -13.29 5.00
CA ASP A 213 14.25 -14.63 4.64
C ASP A 213 12.94 -14.56 3.85
N ALA A 214 12.02 -13.72 4.31
CA ALA A 214 10.74 -13.61 3.62
C ALA A 214 10.90 -13.00 2.23
N VAL A 215 11.75 -11.99 2.09
CA VAL A 215 12.04 -11.43 0.78
C VAL A 215 12.54 -12.53 -0.17
N ALA A 216 13.53 -13.29 0.28
CA ALA A 216 14.09 -14.37 -0.54
C ALA A 216 13.03 -15.42 -0.88
N ALA A 217 12.18 -15.76 0.09
CA ALA A 217 11.14 -16.77 -0.14
C ALA A 217 10.15 -16.31 -1.19
N ALA A 218 9.81 -15.02 -1.14
CA ALA A 218 8.87 -14.43 -2.09
C ALA A 218 9.48 -14.30 -3.48
N VAL A 219 10.70 -13.78 -3.58
CA VAL A 219 11.38 -13.69 -4.88
C VAL A 219 11.59 -15.11 -5.46
N GLY A 220 11.86 -16.08 -4.58
CA GLY A 220 12.02 -17.50 -4.93
C GLY A 220 10.77 -18.37 -5.15
N GLY A 221 9.62 -17.74 -5.29
CA GLY A 221 8.42 -18.42 -5.79
C GLY A 221 7.64 -19.23 -4.78
N ALA A 222 7.65 -18.78 -3.52
CA ALA A 222 6.78 -19.38 -2.51
C ALA A 222 5.32 -19.22 -2.92
N ASP A 223 4.49 -20.14 -2.44
CA ASP A 223 3.02 -20.07 -2.55
C ASP A 223 2.61 -18.87 -1.72
N PRO A 224 1.80 -17.95 -2.30
CA PRO A 224 1.31 -16.80 -1.52
C PRO A 224 0.58 -17.15 -0.23
N VAL A 225 -0.07 -18.31 -0.17
CA VAL A 225 -0.72 -18.71 1.07
C VAL A 225 0.32 -18.94 2.18
N ASP A 226 1.52 -19.37 1.80
CA ASP A 226 2.64 -19.54 2.75
C ASP A 226 3.35 -18.21 3.01
N VAL A 227 3.58 -17.43 1.95
CA VAL A 227 4.30 -16.15 2.01
C VAL A 227 3.52 -15.12 1.17
N PRO A 228 2.60 -14.39 1.81
CA PRO A 228 1.68 -13.50 1.09
C PRO A 228 2.35 -12.56 0.09
N ALA A 229 3.54 -12.05 0.42
CA ALA A 229 4.24 -11.12 -0.48
C ALA A 229 4.48 -11.74 -1.85
N ALA A 230 4.52 -13.08 -1.96
CA ALA A 230 4.70 -13.71 -3.26
C ALA A 230 3.56 -13.43 -4.24
N GLY A 231 2.39 -13.02 -3.74
CA GLY A 231 1.25 -12.74 -4.56
C GLY A 231 1.18 -11.29 -4.98
N ALA A 232 2.06 -10.46 -4.42
CA ALA A 232 1.98 -9.00 -4.63
C ALA A 232 2.65 -8.63 -5.95
N LYS A 233 1.91 -8.74 -7.05
CA LYS A 233 2.47 -8.64 -8.39
C LYS A 233 1.73 -7.59 -9.23
N GLY A 234 2.46 -6.64 -9.81
CA GLY A 234 1.85 -5.62 -10.68
C GLY A 234 1.61 -6.13 -12.09
N ILE A 235 0.73 -5.47 -12.82
CA ILE A 235 0.44 -5.84 -14.22
C ILE A 235 1.67 -5.55 -15.08
N GLU A 236 2.27 -4.38 -14.90
CA GLU A 236 3.43 -3.98 -15.70
C GLU A 236 4.76 -4.35 -15.07
N ARG A 237 4.88 -4.16 -13.75
CA ARG A 237 6.07 -4.56 -13.02
C ARG A 237 5.86 -4.64 -11.53
N THR A 238 6.72 -5.43 -10.89
CA THR A 238 6.82 -5.53 -9.47
C THR A 238 8.21 -5.05 -9.10
N VAL A 239 8.28 -4.16 -8.13
CA VAL A 239 9.53 -3.52 -7.77
C VAL A 239 9.80 -3.79 -6.29
N TRP A 240 10.94 -4.41 -6.00
CA TRP A 240 11.44 -4.58 -4.63
C TRP A 240 12.47 -3.52 -4.37
N LEU A 241 12.18 -2.66 -3.41
CA LEU A 241 13.10 -1.61 -3.00
C LEU A 241 13.59 -2.01 -1.61
N LEU A 242 14.85 -2.43 -1.52
CA LEU A 242 15.39 -3.06 -0.34
C LEU A 242 16.57 -2.28 0.20
N ASP A 243 16.83 -2.38 1.49
CA ASP A 243 18.18 -2.05 1.93
C ASP A 243 19.03 -3.31 1.94
N GLU A 244 20.34 -3.16 2.11
CA GLU A 244 21.24 -4.32 1.98
C GLU A 244 20.84 -5.41 2.98
N ALA A 245 20.42 -5.00 4.16
CA ALA A 245 20.02 -5.96 5.20
C ALA A 245 18.83 -6.81 4.75
N ALA A 246 17.78 -6.18 4.25
CA ALA A 246 16.62 -6.90 3.73
C ALA A 246 16.94 -7.74 2.51
N ALA A 247 17.99 -7.37 1.78
CA ALA A 247 18.40 -8.11 0.58
C ALA A 247 19.47 -9.16 0.85
N SER A 248 19.79 -9.42 2.11
CA SER A 248 20.99 -10.17 2.45
C SER A 248 20.89 -11.68 2.17
N GLN A 249 19.69 -12.15 1.82
CA GLN A 249 19.50 -13.53 1.38
C GLN A 249 19.21 -13.63 -0.13
N LEU A 250 19.41 -12.54 -0.87
CA LEU A 250 19.33 -12.56 -2.33
C LEU A 250 20.72 -12.44 -2.92
N GLY A 251 20.83 -12.75 -4.21
CA GLY A 251 22.09 -12.67 -4.93
C GLY A 251 22.37 -11.28 -5.48
NA NA B . -8.17 16.29 -10.99
NA NA C . -13.22 10.37 1.25
C1 GOL D . -12.86 12.19 -6.92
O1 GOL D . -11.92 13.05 -7.58
C2 GOL D . -12.35 10.77 -6.92
O2 GOL D . -11.06 10.72 -6.27
C3 GOL D . -12.25 10.30 -8.37
O3 GOL D . -12.10 8.89 -8.46
C BEZ E . -10.18 8.82 7.86
O1 BEZ E . -11.40 8.71 7.52
O2 BEZ E . -9.56 7.83 8.36
C1 BEZ E . -9.49 10.14 7.70
C2 BEZ E . -10.16 11.30 7.31
C3 BEZ E . -9.50 12.52 7.15
C4 BEZ E . -8.14 12.61 7.39
C5 BEZ E . -7.48 11.46 7.80
C6 BEZ E . -8.12 10.25 7.94
#